data_1EUV
#
_entry.id   1EUV
#
_cell.length_a   125.774
_cell.length_b   53.167
_cell.length_c   54.262
_cell.angle_alpha   90.00
_cell.angle_beta   90.00
_cell.angle_gamma   90.00
#
_symmetry.space_group_name_H-M   'P 21 21 2'
#
loop_
_entity.id
_entity.type
_entity.pdbx_description
1 polymer 'ULP1 PROTEASE'
2 polymer 'UBITQUTIN-LIKE PROTEIN SMT3'
3 water water
#
loop_
_entity_poly.entity_id
_entity_poly.type
_entity_poly.pdbx_seq_one_letter_code
_entity_poly.pdbx_strand_id
1 'polypeptide(L)'
;GSLVPELNEKDDDQVQKALASRENTQLMNRDNIEITVRDFKTLAPRRWLNDTIIEFFMKYIEKSTPNTVAFNSFFYTNLS
ERGYQGVRRWMKRKKTQIDKLDKIFTPINLNQSHWALGIIDLKKKTIGYVDSLSNGPNAMSFAILTDLQKYVMEESKHTI
GEDFDLIHLDCPQQPNGYDCGIYVCMNTLYGSADAPLDFDYKDAIRMRRFIAHLILTDALK
;
A
2 'polypeptide(L)'
;EVKPEVKPETHINLKVSDGSSEIFFKIKKTTPLRRLMEAFAKRQGKEMDSLRFLYDGIRIQADQTPEDLDMEDNDIIEAH
REQIGG
;
B
#
# COMPACT_ATOMS: atom_id res chain seq x y z
N GLY A 1 1.76 18.38 20.52
CA GLY A 1 3.16 18.58 20.05
C GLY A 1 3.25 18.12 18.59
N SER A 2 3.72 16.90 18.36
CA SER A 2 3.74 16.37 16.99
C SER A 2 3.92 14.87 17.17
N LEU A 3 3.27 14.11 16.29
CA LEU A 3 3.42 12.67 16.27
C LEU A 3 4.57 12.26 15.37
N VAL A 4 5.23 13.21 14.71
CA VAL A 4 6.38 12.86 13.87
C VAL A 4 7.63 13.28 14.64
N PRO A 5 8.42 12.32 15.05
CA PRO A 5 9.59 12.65 15.86
C PRO A 5 10.78 13.12 15.04
N GLU A 6 11.70 13.78 15.74
CA GLU A 6 12.95 14.19 15.09
C GLU A 6 13.94 13.07 15.41
N LEU A 7 14.79 12.76 14.47
CA LEU A 7 15.78 11.74 14.62
C LEU A 7 17.04 12.27 15.36
N ASN A 8 17.67 11.39 16.12
CA ASN A 8 18.93 11.89 16.73
C ASN A 8 19.96 11.93 15.61
N GLU A 9 21.12 12.53 15.87
CA GLU A 9 22.12 12.65 14.82
C GLU A 9 22.59 11.32 14.28
N LYS A 10 22.76 10.32 15.15
CA LYS A 10 23.23 9.01 14.74
C LYS A 10 22.24 8.35 13.77
N ASP A 11 20.97 8.40 14.15
CA ASP A 11 19.90 7.81 13.32
C ASP A 11 19.79 8.55 11.99
N ASP A 12 19.90 9.86 11.99
CA ASP A 12 19.85 10.64 10.75
C ASP A 12 21.01 10.25 9.85
N ASP A 13 22.21 10.04 10.40
CA ASP A 13 23.36 9.71 9.55
C ASP A 13 23.20 8.37 8.87
N GLN A 14 22.54 7.44 9.57
CA GLN A 14 22.26 6.11 9.04
C GLN A 14 21.35 6.27 7.82
N VAL A 15 20.30 7.09 7.96
CA VAL A 15 19.44 7.39 6.80
C VAL A 15 20.25 7.97 5.64
N GLN A 16 21.08 8.99 5.87
CA GLN A 16 21.88 9.62 4.82
C GLN A 16 22.81 8.63 4.14
N LYS A 17 23.44 7.70 4.88
CA LYS A 17 24.30 6.69 4.28
C LYS A 17 23.55 5.73 3.37
N ALA A 18 22.39 5.28 3.87
CA ALA A 18 21.56 4.37 3.07
C ALA A 18 21.10 5.02 1.79
N LEU A 19 20.78 6.32 1.77
CA LEU A 19 20.35 7.04 0.58
C LEU A 19 21.49 7.18 -0.44
N ALA A 20 22.71 7.07 0.05
CA ALA A 20 23.86 7.15 -0.85
C ALA A 20 24.37 5.79 -1.23
N SER A 21 23.73 4.65 -0.86
CA SER A 21 24.46 3.45 -1.23
C SER A 21 24.45 3.21 -2.74
N ARG A 22 25.67 2.82 -3.08
CA ARG A 22 26.14 2.43 -4.39
C ARG A 22 25.66 0.99 -4.61
N GLU A 23 24.46 0.97 -5.17
CA GLU A 23 23.71 -0.10 -5.73
C GLU A 23 22.45 -0.55 -5.04
N ASN A 24 21.58 -1.07 -5.90
CA ASN A 24 20.22 -1.43 -5.56
C ASN A 24 20.08 -2.76 -4.83
N THR A 25 20.45 -2.70 -3.57
CA THR A 25 20.45 -3.80 -2.64
C THR A 25 19.14 -3.81 -1.85
N GLN A 26 18.84 -4.96 -1.27
CA GLN A 26 17.67 -5.15 -0.43
C GLN A 26 17.97 -4.55 0.94
N LEU A 27 17.17 -3.62 1.43
CA LEU A 27 17.39 -2.97 2.72
C LEU A 27 16.53 -3.55 3.85
N MET A 28 15.40 -4.14 3.46
CA MET A 28 14.48 -4.70 4.45
C MET A 28 13.60 -5.72 3.74
N ASN A 29 13.23 -6.76 4.47
CA ASN A 29 12.37 -7.80 3.93
C ASN A 29 11.65 -8.41 5.11
N ARG A 30 10.44 -7.93 5.34
CA ARG A 30 9.71 -8.41 6.53
C ARG A 30 8.22 -8.26 6.34
N ASP A 31 7.40 -9.20 6.81
CA ASP A 31 5.94 -9.05 6.72
C ASP A 31 5.45 -8.88 5.28
N ASN A 32 6.12 -9.51 4.35
CA ASN A 32 5.81 -9.49 2.93
C ASN A 32 5.93 -8.13 2.24
N ILE A 33 6.91 -7.35 2.70
CA ILE A 33 7.23 -6.08 2.03
C ILE A 33 8.75 -6.06 1.98
N GLU A 34 9.21 -6.11 0.75
CA GLU A 34 10.64 -6.04 0.45
C GLU A 34 10.96 -4.62 0.02
N ILE A 35 12.00 -4.02 0.57
CA ILE A 35 12.36 -2.63 0.25
C ILE A 35 13.80 -2.58 -0.25
N THR A 36 13.97 -2.10 -1.49
CA THR A 36 15.31 -1.95 -2.04
C THR A 36 15.78 -0.52 -1.91
N VAL A 37 17.08 -0.31 -2.25
CA VAL A 37 17.58 1.05 -2.23
C VAL A 37 16.81 1.92 -3.21
N ARG A 38 16.43 1.40 -4.38
CA ARG A 38 15.65 2.19 -5.33
C ARG A 38 14.36 2.69 -4.67
N ASP A 39 13.65 1.84 -3.95
CA ASP A 39 12.45 2.30 -3.25
C ASP A 39 12.77 3.33 -2.16
N PHE A 40 13.82 3.03 -1.36
CA PHE A 40 14.21 3.90 -0.26
C PHE A 40 14.56 5.30 -0.71
N LYS A 41 15.17 5.43 -1.87
CA LYS A 41 15.56 6.76 -2.36
C LYS A 41 14.36 7.62 -2.70
N THR A 42 13.14 7.05 -2.79
CA THR A 42 11.97 7.91 -3.02
C THR A 42 11.68 8.71 -1.76
N LEU A 43 12.31 8.42 -0.62
CA LEU A 43 12.16 9.21 0.60
C LEU A 43 13.20 10.35 0.65
N ALA A 44 14.11 10.42 -0.30
CA ALA A 44 15.09 11.51 -0.30
C ALA A 44 14.35 12.82 -0.42
N PRO A 45 15.01 13.93 -0.08
CA PRO A 45 14.32 15.20 -0.16
C PRO A 45 13.73 15.45 -1.54
N ARG A 46 12.54 16.00 -1.56
CA ARG A 46 11.82 16.44 -2.76
C ARG A 46 11.41 15.32 -3.70
N ARG A 47 11.58 14.05 -3.33
CA ARG A 47 11.20 12.97 -4.24
C ARG A 47 9.82 12.40 -4.04
N TRP A 48 9.21 12.01 -5.15
CA TRP A 48 7.89 11.34 -5.11
C TRP A 48 7.96 9.94 -4.50
N LEU A 49 7.11 9.67 -3.49
CA LEU A 49 7.11 8.31 -2.94
C LEU A 49 6.52 7.34 -3.96
N ASN A 50 7.02 6.10 -3.89
CA ASN A 50 6.42 5.05 -4.73
C ASN A 50 5.56 4.13 -3.85
N ASP A 51 4.94 3.17 -4.52
CA ASP A 51 3.99 2.26 -3.83
C ASP A 51 4.64 1.44 -2.74
N THR A 52 5.93 1.13 -2.86
CA THR A 52 6.62 0.31 -1.87
C THR A 52 6.73 0.98 -0.54
N ILE A 53 7.06 2.30 -0.58
CA ILE A 53 7.13 3.08 0.65
C ILE A 53 5.75 3.28 1.26
N ILE A 54 4.73 3.57 0.41
CA ILE A 54 3.35 3.68 0.92
C ILE A 54 2.95 2.34 1.57
N GLU A 55 3.26 1.21 0.96
CA GLU A 55 2.84 -0.07 1.54
C GLU A 55 3.56 -0.33 2.87
N PHE A 56 4.85 -0.02 2.87
CA PHE A 56 5.61 -0.18 4.13
C PHE A 56 4.93 0.62 5.24
N PHE A 57 4.56 1.87 4.99
CA PHE A 57 3.95 2.67 6.05
C PHE A 57 2.59 2.14 6.48
N MET A 58 1.82 1.62 5.54
CA MET A 58 0.55 0.99 5.88
C MET A 58 0.82 -0.20 6.83
N LYS A 59 1.83 -1.00 6.53
CA LYS A 59 2.16 -2.15 7.41
C LYS A 59 2.56 -1.70 8.79
N TYR A 60 3.38 -0.64 8.84
CA TYR A 60 3.78 -0.10 10.15
C TYR A 60 2.57 0.33 10.99
N ILE A 61 1.60 1.03 10.40
CA ILE A 61 0.39 1.44 11.10
C ILE A 61 -0.43 0.21 11.48
N GLU A 62 -0.48 -0.82 10.63
CA GLU A 62 -1.20 -2.03 11.05
C GLU A 62 -0.47 -2.66 12.24
N LYS A 63 0.84 -2.77 12.14
CA LYS A 63 1.63 -3.37 13.26
C LYS A 63 1.41 -2.60 14.55
N SER A 64 1.22 -1.29 14.60
CA SER A 64 1.09 -0.58 15.87
C SER A 64 -0.27 -0.10 16.33
N THR A 65 -1.31 -0.47 15.57
CA THR A 65 -2.65 -0.01 15.87
C THR A 65 -3.61 -1.19 15.87
N PRO A 66 -4.37 -1.27 16.97
CA PRO A 66 -5.32 -2.34 17.10
C PRO A 66 -6.53 -2.18 16.21
N ASN A 67 -7.01 -3.37 15.84
CA ASN A 67 -8.21 -3.58 15.05
C ASN A 67 -8.15 -2.75 13.75
N THR A 68 -6.99 -2.67 13.12
CA THR A 68 -6.88 -1.82 11.93
C THR A 68 -6.31 -2.58 10.76
N VAL A 69 -6.87 -2.36 9.56
CA VAL A 69 -6.28 -2.88 8.35
C VAL A 69 -5.87 -1.65 7.54
N ALA A 70 -4.69 -1.73 6.95
CA ALA A 70 -4.28 -0.65 6.04
C ALA A 70 -3.80 -1.36 4.78
N PHE A 71 -4.61 -1.25 3.71
CA PHE A 71 -4.24 -1.94 2.49
C PHE A 71 -3.13 -1.18 1.75
N ASN A 72 -2.42 -1.90 0.89
CA ASN A 72 -1.49 -1.23 -0.02
C ASN A 72 -2.39 -0.48 -1.06
N SER A 73 -1.72 0.31 -1.92
CA SER A 73 -2.48 1.12 -2.87
C SER A 73 -3.07 0.33 -4.04
N PHE A 74 -2.67 -0.91 -4.23
CA PHE A 74 -3.20 -1.72 -5.33
C PHE A 74 -4.63 -2.16 -4.99
N PHE A 75 -5.03 -2.11 -3.71
CA PHE A 75 -6.41 -2.43 -3.32
C PHE A 75 -7.36 -1.44 -4.00
N TYR A 76 -7.11 -0.14 -3.84
CA TYR A 76 -8.05 0.78 -4.51
C TYR A 76 -7.97 0.64 -6.02
N THR A 77 -6.79 0.43 -6.60
CA THR A 77 -6.73 0.25 -8.07
C THR A 77 -7.67 -0.88 -8.51
N ASN A 78 -7.56 -2.04 -7.89
CA ASN A 78 -8.43 -3.17 -8.21
C ASN A 78 -9.92 -2.86 -7.95
N LEU A 79 -10.24 -2.30 -6.80
CA LEU A 79 -11.64 -2.02 -6.48
C LEU A 79 -12.30 -1.08 -7.49
N SER A 80 -11.54 -0.08 -7.90
CA SER A 80 -12.05 0.93 -8.84
C SER A 80 -12.10 0.38 -10.26
N GLU A 81 -11.06 -0.36 -10.66
CA GLU A 81 -11.07 -0.85 -12.05
C GLU A 81 -11.87 -2.12 -12.24
N ARG A 82 -11.91 -3.00 -11.26
CA ARG A 82 -12.47 -4.34 -11.36
C ARG A 82 -13.49 -4.70 -10.30
N GLY A 83 -14.06 -3.65 -9.69
CA GLY A 83 -15.16 -3.83 -8.74
C GLY A 83 -14.79 -4.59 -7.50
N TYR A 84 -15.79 -4.90 -6.67
CA TYR A 84 -15.59 -5.68 -5.45
C TYR A 84 -14.99 -7.02 -5.76
N GLN A 85 -15.35 -7.60 -6.92
CA GLN A 85 -14.79 -8.88 -7.34
C GLN A 85 -13.28 -8.81 -7.44
N GLY A 86 -12.76 -7.62 -7.82
CA GLY A 86 -11.31 -7.47 -7.90
C GLY A 86 -10.59 -7.47 -6.57
N VAL A 87 -11.26 -7.34 -5.43
CA VAL A 87 -10.60 -7.31 -4.13
C VAL A 87 -11.33 -8.26 -3.16
N ARG A 88 -12.25 -9.07 -3.67
CA ARG A 88 -13.00 -9.99 -2.81
C ARG A 88 -12.17 -10.84 -1.88
N ARG A 89 -11.03 -11.35 -2.30
CA ARG A 89 -10.18 -12.25 -1.57
C ARG A 89 -9.17 -11.55 -0.68
N TRP A 90 -9.09 -10.22 -0.74
CA TRP A 90 -8.02 -9.54 -0.01
C TRP A 90 -8.16 -9.52 1.50
N MET A 91 -9.35 -9.30 2.08
CA MET A 91 -9.46 -9.26 3.53
C MET A 91 -9.09 -10.62 4.15
N LYS A 92 -9.39 -11.72 3.46
CA LYS A 92 -9.05 -13.04 3.98
C LYS A 92 -7.55 -13.16 4.23
N ARG A 93 -6.76 -12.61 3.30
CA ARG A 93 -5.31 -12.61 3.45
C ARG A 93 -4.79 -11.69 4.53
N LYS A 94 -5.63 -10.88 5.17
CA LYS A 94 -5.30 -10.04 6.29
C LYS A 94 -5.49 -10.83 7.60
N LYS A 95 -6.03 -12.05 7.49
CA LYS A 95 -6.25 -12.88 8.67
C LYS A 95 -7.25 -12.25 9.62
N THR A 96 -8.30 -11.64 9.06
CA THR A 96 -9.30 -11.02 9.93
C THR A 96 -10.54 -10.76 9.11
N GLN A 97 -11.59 -10.27 9.73
CA GLN A 97 -12.86 -10.03 9.07
C GLN A 97 -13.31 -8.62 9.32
N ILE A 98 -14.03 -8.02 8.39
CA ILE A 98 -14.49 -6.64 8.51
C ILE A 98 -15.24 -6.36 9.79
N ASP A 99 -16.04 -7.31 10.34
CA ASP A 99 -16.75 -7.00 11.58
C ASP A 99 -15.89 -6.92 12.82
N LYS A 100 -14.59 -7.21 12.75
CA LYS A 100 -13.73 -7.05 13.94
C LYS A 100 -12.89 -5.77 13.89
N LEU A 101 -13.07 -4.99 12.83
CA LEU A 101 -12.19 -3.81 12.71
C LEU A 101 -12.77 -2.48 13.16
N ASP A 102 -11.84 -1.58 13.54
CA ASP A 102 -12.22 -0.21 13.88
C ASP A 102 -12.09 0.65 12.59
N LYS A 103 -10.96 0.48 11.89
CA LYS A 103 -10.71 1.29 10.68
C LYS A 103 -10.09 0.46 9.58
N ILE A 104 -10.31 0.88 8.33
CA ILE A 104 -9.61 0.32 7.17
C ILE A 104 -9.03 1.53 6.42
N PHE A 105 -7.73 1.53 6.18
CA PHE A 105 -7.10 2.64 5.43
C PHE A 105 -6.84 2.20 4.00
N THR A 106 -7.12 3.06 3.00
CA THR A 106 -6.88 2.71 1.62
C THR A 106 -6.16 3.86 0.92
N PRO A 107 -4.85 3.84 0.84
CA PRO A 107 -4.06 4.81 0.09
C PRO A 107 -4.43 4.67 -1.40
N ILE A 108 -4.56 5.85 -2.03
CA ILE A 108 -5.03 5.90 -3.43
C ILE A 108 -4.03 6.61 -4.35
N ASN A 109 -3.67 5.92 -5.43
CA ASN A 109 -2.78 6.51 -6.41
C ASN A 109 -3.68 7.10 -7.49
N LEU A 110 -3.47 8.36 -7.82
CA LEU A 110 -4.31 9.03 -8.82
C LEU A 110 -3.43 9.30 -10.04
N ASN A 111 -3.68 8.57 -11.11
CA ASN A 111 -3.05 8.83 -12.40
C ASN A 111 -1.55 8.89 -12.43
N GLN A 112 -0.89 8.12 -11.56
CA GLN A 112 0.57 8.14 -11.48
C GLN A 112 1.11 9.51 -11.21
N SER A 113 0.34 10.39 -10.56
CA SER A 113 0.85 11.72 -10.31
C SER A 113 0.51 12.25 -8.92
N HIS A 114 -0.39 11.56 -8.17
CA HIS A 114 -0.73 12.13 -6.85
C HIS A 114 -1.17 10.99 -5.94
N TRP A 115 -1.02 11.20 -4.63
CA TRP A 115 -1.46 10.21 -3.65
C TRP A 115 -2.52 10.89 -2.78
N ALA A 116 -3.56 10.11 -2.39
CA ALA A 116 -4.58 10.60 -1.47
C ALA A 116 -4.96 9.40 -0.58
N LEU A 117 -5.93 9.57 0.28
CA LEU A 117 -6.25 8.47 1.23
C LEU A 117 -7.73 8.36 1.52
N GLY A 118 -8.15 7.09 1.57
CA GLY A 118 -9.52 6.83 2.03
C GLY A 118 -9.43 6.29 3.46
N ILE A 119 -10.40 6.70 4.30
CA ILE A 119 -10.43 6.18 5.67
C ILE A 119 -11.83 5.59 5.90
N ILE A 120 -11.92 4.28 6.04
CA ILE A 120 -13.26 3.73 6.42
C ILE A 120 -13.22 3.62 7.95
N ASP A 121 -14.09 4.32 8.63
CA ASP A 121 -14.14 4.25 10.10
C ASP A 121 -15.39 3.44 10.46
N LEU A 122 -15.16 2.17 10.75
CA LEU A 122 -16.30 1.29 11.07
C LEU A 122 -16.95 1.67 12.37
N LYS A 123 -16.17 2.13 13.34
CA LYS A 123 -16.73 2.51 14.64
C LYS A 123 -17.57 3.77 14.54
N LYS A 124 -17.11 4.78 13.78
CA LYS A 124 -17.86 6.02 13.61
C LYS A 124 -18.87 5.95 12.48
N LYS A 125 -18.86 4.86 11.73
CA LYS A 125 -19.75 4.70 10.59
C LYS A 125 -19.57 5.84 9.60
N THR A 126 -18.31 6.06 9.19
CA THR A 126 -18.05 7.15 8.25
C THR A 126 -17.02 6.71 7.22
N ILE A 127 -17.13 7.24 6.02
CA ILE A 127 -16.12 6.95 4.99
C ILE A 127 -15.56 8.34 4.62
N GLY A 128 -14.23 8.48 4.74
CA GLY A 128 -13.67 9.80 4.48
C GLY A 128 -12.60 9.76 3.40
N TYR A 129 -12.55 10.84 2.66
CA TYR A 129 -11.54 10.98 1.57
C TYR A 129 -10.69 12.17 1.99
N VAL A 130 -9.38 12.01 2.13
CA VAL A 130 -8.52 13.07 2.66
C VAL A 130 -7.40 13.28 1.64
N ASP A 131 -7.29 14.51 1.18
CA ASP A 131 -6.35 14.80 0.07
C ASP A 131 -5.64 16.08 0.46
N SER A 132 -4.29 16.07 0.36
CA SER A 132 -3.47 17.21 0.70
C SER A 132 -3.25 18.21 -0.45
N LEU A 133 -3.90 18.00 -1.58
CA LEU A 133 -3.87 19.04 -2.63
C LEU A 133 -5.25 19.03 -3.26
N SER A 134 -6.22 19.50 -2.49
CA SER A 134 -7.61 19.50 -2.95
C SER A 134 -8.26 20.87 -2.80
N ASN A 135 -9.12 21.23 -3.75
CA ASN A 135 -9.89 22.48 -3.60
C ASN A 135 -11.26 22.16 -2.98
N GLY A 136 -11.52 20.87 -2.77
CA GLY A 136 -12.73 20.48 -2.09
C GLY A 136 -13.56 19.44 -2.79
N PRO A 137 -14.67 19.10 -2.11
CA PRO A 137 -15.58 18.09 -2.61
C PRO A 137 -15.72 18.29 -4.10
N ASN A 138 -15.49 17.21 -4.83
CA ASN A 138 -15.55 17.27 -6.29
C ASN A 138 -16.12 15.94 -6.75
N ALA A 139 -16.31 15.72 -8.03
CA ALA A 139 -16.92 14.46 -8.46
C ALA A 139 -16.03 13.25 -8.44
N MET A 140 -14.71 13.36 -8.62
CA MET A 140 -13.86 12.19 -8.62
C MET A 140 -13.79 11.60 -7.20
N SER A 141 -13.86 12.49 -6.26
CA SER A 141 -13.80 12.23 -4.82
C SER A 141 -15.09 11.45 -4.47
N PHE A 142 -16.15 11.80 -5.21
CA PHE A 142 -17.38 11.01 -4.95
C PHE A 142 -17.32 9.59 -5.43
N ALA A 143 -16.77 9.33 -6.61
CA ALA A 143 -16.60 7.98 -7.10
C ALA A 143 -15.75 7.20 -6.09
N ILE A 144 -14.69 7.79 -5.53
CA ILE A 144 -13.89 7.10 -4.54
C ILE A 144 -14.77 6.80 -3.32
N LEU A 145 -15.46 7.79 -2.75
CA LEU A 145 -16.26 7.48 -1.56
C LEU A 145 -17.28 6.41 -1.84
N THR A 146 -18.00 6.46 -3.01
CA THR A 146 -18.96 5.38 -3.23
C THR A 146 -18.34 4.02 -3.44
N ASP A 147 -17.12 3.95 -3.99
CA ASP A 147 -16.42 2.71 -4.17
C ASP A 147 -16.10 2.11 -2.79
N LEU A 148 -15.67 2.95 -1.86
CA LEU A 148 -15.30 2.44 -0.54
C LEU A 148 -16.59 1.99 0.19
N GLN A 149 -17.69 2.72 -0.01
CA GLN A 149 -18.96 2.33 0.64
C GLN A 149 -19.45 1.01 0.08
N LYS A 150 -19.26 0.84 -1.24
CA LYS A 150 -19.58 -0.42 -1.88
C LYS A 150 -18.79 -1.56 -1.32
N TYR A 151 -17.47 -1.35 -1.08
CA TYR A 151 -16.61 -2.37 -0.52
C TYR A 151 -17.16 -2.83 0.83
N VAL A 152 -17.49 -1.87 1.70
CA VAL A 152 -17.96 -2.20 3.05
C VAL A 152 -19.26 -3.03 2.98
N MET A 153 -20.15 -2.56 2.12
CA MET A 153 -21.43 -3.32 1.99
C MET A 153 -21.21 -4.71 1.48
N GLU A 154 -20.38 -4.93 0.46
CA GLU A 154 -20.14 -6.25 -0.08
C GLU A 154 -19.31 -7.16 0.82
N GLU A 155 -18.22 -6.66 1.39
CA GLU A 155 -17.35 -7.43 2.26
C GLU A 155 -18.07 -7.86 3.52
N SER A 156 -19.01 -7.05 4.01
CA SER A 156 -19.77 -7.41 5.19
C SER A 156 -21.00 -8.26 4.88
N LYS A 157 -21.19 -8.63 3.64
CA LYS A 157 -22.39 -9.39 3.25
C LYS A 157 -23.63 -8.60 3.60
N HIS A 158 -23.62 -7.33 3.21
CA HIS A 158 -24.72 -6.40 3.41
C HIS A 158 -25.20 -6.28 4.84
N THR A 159 -24.29 -6.28 5.80
CA THR A 159 -24.67 -6.10 7.18
C THR A 159 -24.39 -4.68 7.64
N ILE A 160 -23.34 -4.07 7.05
CA ILE A 160 -22.95 -2.73 7.49
C ILE A 160 -22.54 -1.90 6.28
N GLY A 161 -22.57 -0.57 6.47
CA GLY A 161 -22.13 0.33 5.40
C GLY A 161 -23.15 1.18 4.70
N GLU A 162 -24.41 0.74 4.50
CA GLU A 162 -25.38 1.52 3.74
C GLU A 162 -25.80 2.85 4.33
N ASP A 163 -25.64 3.06 5.63
CA ASP A 163 -25.97 4.27 6.33
C ASP A 163 -24.74 5.07 6.75
N PHE A 164 -23.57 4.69 6.20
CA PHE A 164 -22.37 5.49 6.55
C PHE A 164 -22.42 6.88 5.95
N ASP A 165 -21.84 7.88 6.61
CA ASP A 165 -21.76 9.23 6.11
C ASP A 165 -20.48 9.33 5.24
N LEU A 166 -20.63 9.78 4.00
CA LEU A 166 -19.49 9.94 3.09
C LEU A 166 -18.99 11.36 3.21
N ILE A 167 -17.71 11.58 3.54
CA ILE A 167 -17.23 12.93 3.79
C ILE A 167 -15.89 13.25 3.10
N HIS A 168 -15.77 14.44 2.56
CA HIS A 168 -14.50 14.90 1.99
C HIS A 168 -13.84 15.59 3.21
N LEU A 169 -12.88 14.90 3.85
CA LEU A 169 -12.26 15.40 5.05
C LEU A 169 -11.24 16.49 4.83
N ASP A 170 -11.25 17.52 5.64
CA ASP A 170 -10.28 18.59 5.56
C ASP A 170 -8.92 18.16 6.09
N CYS A 171 -7.81 18.62 5.57
CA CYS A 171 -6.51 18.32 6.17
C CYS A 171 -5.51 19.39 5.76
N PRO A 172 -4.37 19.50 6.44
CA PRO A 172 -3.31 20.44 6.08
C PRO A 172 -2.90 20.19 4.64
N GLN A 173 -2.77 21.28 3.88
CA GLN A 173 -2.51 21.12 2.44
C GLN A 173 -1.00 21.26 2.19
N GLN A 174 -0.49 20.46 1.27
CA GLN A 174 0.98 20.53 1.00
C GLN A 174 1.29 21.84 0.29
N PRO A 175 2.46 22.41 0.58
CA PRO A 175 2.88 23.68 -0.04
C PRO A 175 3.75 23.46 -1.26
N ASN A 176 3.85 22.22 -1.72
CA ASN A 176 4.75 21.86 -2.82
C ASN A 176 4.12 20.76 -3.65
N GLY A 177 4.84 20.39 -4.74
CA GLY A 177 4.22 19.35 -5.56
C GLY A 177 4.73 17.94 -5.32
N TYR A 178 5.52 17.66 -4.30
CA TYR A 178 6.12 16.32 -4.20
C TYR A 178 5.79 15.60 -2.88
N ASP A 179 5.21 16.30 -1.94
CA ASP A 179 4.97 15.67 -0.62
C ASP A 179 3.68 14.89 -0.51
N CYS A 180 2.89 14.75 -1.56
CA CYS A 180 1.57 14.08 -1.37
C CYS A 180 1.72 12.74 -0.67
N GLY A 181 2.65 11.90 -1.04
CA GLY A 181 2.74 10.54 -0.40
C GLY A 181 3.09 10.73 1.09
N ILE A 182 3.88 11.69 1.46
CA ILE A 182 4.19 11.95 2.88
C ILE A 182 2.92 12.41 3.59
N TYR A 183 2.11 13.28 2.97
CA TYR A 183 0.87 13.72 3.61
C TYR A 183 -0.07 12.52 3.76
N VAL A 184 -0.08 11.58 2.83
CA VAL A 184 -0.92 10.37 2.96
C VAL A 184 -0.45 9.65 4.24
N CYS A 185 0.88 9.47 4.35
CA CYS A 185 1.41 8.79 5.57
C CYS A 185 1.08 9.54 6.84
N MET A 186 1.19 10.87 6.87
CA MET A 186 0.83 11.63 8.08
C MET A 186 -0.66 11.48 8.35
N ASN A 187 -1.52 11.56 7.32
CA ASN A 187 -2.96 11.37 7.51
C ASN A 187 -3.30 9.99 8.03
N THR A 188 -2.53 8.97 7.67
CA THR A 188 -2.79 7.60 8.17
C THR A 188 -2.34 7.57 9.63
N LEU A 189 -1.14 8.11 9.89
CA LEU A 189 -0.62 8.12 11.28
C LEU A 189 -1.56 8.86 12.20
N TYR A 190 -1.97 10.06 11.88
CA TYR A 190 -2.83 10.86 12.75
C TYR A 190 -4.22 10.24 12.77
N GLY A 191 -4.75 9.81 11.65
CA GLY A 191 -6.11 9.17 11.66
C GLY A 191 -6.06 7.89 12.49
N SER A 192 -5.03 7.07 12.43
CA SER A 192 -4.97 5.82 13.23
C SER A 192 -4.95 6.11 14.73
N ALA A 193 -4.36 7.25 15.10
CA ALA A 193 -4.27 7.65 16.52
C ALA A 193 -5.46 8.50 16.92
N ASP A 194 -6.42 8.73 16.06
CA ASP A 194 -7.53 9.62 16.28
C ASP A 194 -7.07 10.97 16.80
N ALA A 195 -6.06 11.57 16.16
CA ALA A 195 -5.49 12.84 16.52
C ALA A 195 -5.91 13.95 15.57
N PRO A 196 -6.09 15.17 16.02
CA PRO A 196 -6.48 16.30 15.20
C PRO A 196 -5.45 16.48 14.08
N LEU A 197 -5.89 16.81 12.89
CA LEU A 197 -4.89 16.91 11.78
C LEU A 197 -4.23 18.27 11.78
N ASP A 198 -3.22 18.45 12.64
CA ASP A 198 -2.60 19.76 12.79
C ASP A 198 -1.11 19.74 12.43
N PHE A 199 -0.70 18.68 11.75
CA PHE A 199 0.70 18.61 11.27
C PHE A 199 0.85 19.67 10.19
N ASP A 200 2.14 19.91 9.85
CA ASP A 200 2.46 20.90 8.82
C ASP A 200 3.61 20.47 7.94
N TYR A 201 4.12 21.40 7.10
CA TYR A 201 5.16 21.01 6.14
C TYR A 201 6.49 20.69 6.79
N LYS A 202 6.72 21.20 8.00
CA LYS A 202 7.98 20.82 8.69
C LYS A 202 7.85 19.37 9.18
N ASP A 203 6.63 18.99 9.61
CA ASP A 203 6.43 17.59 9.96
C ASP A 203 6.68 16.74 8.71
N ALA A 204 6.27 17.21 7.51
CA ALA A 204 6.49 16.42 6.32
C ALA A 204 7.97 16.17 6.03
N ILE A 205 8.80 17.23 6.28
CA ILE A 205 10.26 17.05 6.14
C ILE A 205 10.79 16.00 7.11
N ARG A 206 10.35 16.05 8.37
CA ARG A 206 10.76 15.06 9.37
C ARG A 206 10.19 13.68 9.06
N MET A 207 8.99 13.67 8.47
CA MET A 207 8.35 12.36 8.19
C MET A 207 9.20 11.52 7.27
N ARG A 208 9.77 12.17 6.21
CA ARG A 208 10.62 11.39 5.31
C ARG A 208 11.74 10.67 6.04
N ARG A 209 12.39 11.40 6.94
CA ARG A 209 13.48 10.81 7.73
C ARG A 209 12.95 9.77 8.72
N PHE A 210 11.76 9.98 9.26
CA PHE A 210 11.19 9.04 10.23
C PHE A 210 10.89 7.73 9.55
N ILE A 211 10.19 7.80 8.38
CA ILE A 211 9.90 6.55 7.68
C ILE A 211 11.19 5.86 7.28
N ALA A 212 12.20 6.56 6.78
CA ALA A 212 13.46 5.96 6.42
C ALA A 212 14.07 5.26 7.65
N HIS A 213 14.04 5.91 8.81
CA HIS A 213 14.55 5.28 10.05
C HIS A 213 13.81 3.99 10.38
N LEU A 214 12.48 4.00 10.23
CA LEU A 214 11.67 2.78 10.52
C LEU A 214 12.12 1.64 9.65
N ILE A 215 12.41 1.91 8.37
CA ILE A 215 12.87 0.88 7.46
C ILE A 215 14.23 0.33 7.89
N LEU A 216 15.17 1.22 8.15
CA LEU A 216 16.54 0.77 8.51
C LEU A 216 16.57 0.05 9.84
N THR A 217 15.65 0.34 10.72
CA THR A 217 15.61 -0.30 12.03
C THR A 217 14.66 -1.49 12.06
N ASP A 218 14.20 -1.95 10.91
CA ASP A 218 13.38 -3.15 10.79
C ASP A 218 12.24 -3.06 11.77
N ALA A 219 11.46 -1.99 11.67
CA ALA A 219 10.36 -1.69 12.59
C ALA A 219 9.22 -2.67 12.60
N LEU A 220 9.11 -3.55 11.61
CA LEU A 220 8.00 -4.51 11.60
C LEU A 220 8.38 -5.79 12.35
N LYS A 221 9.54 -5.86 12.98
CA LYS A 221 9.89 -7.06 13.77
C LYS A 221 9.29 -8.34 13.25
N PRO B 8 -2.83 -33.80 -8.63
CA PRO B 8 -2.75 -32.34 -8.31
C PRO B 8 -2.11 -32.18 -6.93
N GLU B 9 -1.10 -33.03 -6.71
CA GLU B 9 -0.38 -33.05 -5.46
C GLU B 9 0.79 -32.08 -5.38
N THR B 10 1.96 -32.45 -5.87
CA THR B 10 3.16 -31.63 -5.74
C THR B 10 3.24 -30.42 -6.66
N HIS B 11 2.48 -30.45 -7.75
CA HIS B 11 2.53 -29.36 -8.71
C HIS B 11 1.28 -28.49 -8.66
N ILE B 12 1.44 -27.27 -9.15
CA ILE B 12 0.29 -26.34 -9.12
C ILE B 12 0.19 -25.60 -10.43
N ASN B 13 -1.05 -25.35 -10.87
CA ASN B 13 -1.27 -24.53 -12.06
C ASN B 13 -1.54 -23.08 -11.62
N LEU B 14 -0.83 -22.14 -12.22
CA LEU B 14 -0.96 -20.73 -11.90
C LEU B 14 -1.06 -19.90 -13.17
N LYS B 15 -1.80 -18.79 -13.06
CA LYS B 15 -1.88 -17.90 -14.23
C LYS B 15 -1.26 -16.56 -13.80
N VAL B 16 -0.50 -15.92 -14.65
CA VAL B 16 -0.01 -14.58 -14.29
C VAL B 16 -0.71 -13.62 -15.29
N SER B 17 -1.30 -12.56 -14.78
CA SER B 17 -1.96 -11.64 -15.72
C SER B 17 -1.60 -10.19 -15.43
N ASP B 18 -1.45 -9.38 -16.47
CA ASP B 18 -1.29 -7.94 -16.23
C ASP B 18 -2.57 -7.22 -16.64
N GLY B 19 -3.64 -7.98 -16.91
CA GLY B 19 -4.89 -7.38 -17.34
C GLY B 19 -5.05 -7.47 -18.87
N SER B 20 -3.97 -7.77 -19.59
CA SER B 20 -4.17 -7.89 -21.04
C SER B 20 -3.40 -9.10 -21.55
N SER B 21 -2.24 -9.32 -20.98
CA SER B 21 -1.41 -10.48 -21.32
C SER B 21 -1.48 -11.47 -20.17
N GLU B 22 -1.84 -12.71 -20.46
CA GLU B 22 -1.89 -13.73 -19.40
C GLU B 22 -1.08 -14.95 -19.81
N ILE B 23 -0.29 -15.46 -18.88
CA ILE B 23 0.57 -16.62 -19.15
C ILE B 23 0.29 -17.68 -18.09
N PHE B 24 0.07 -18.92 -18.51
CA PHE B 24 -0.22 -20.04 -17.63
C PHE B 24 1.08 -20.83 -17.38
N PHE B 25 1.26 -21.20 -16.14
CA PHE B 25 2.46 -21.92 -15.74
C PHE B 25 2.07 -23.11 -14.89
N LYS B 26 2.94 -24.10 -14.82
CA LYS B 26 2.69 -25.28 -13.98
C LYS B 26 4.05 -25.50 -13.30
N ILE B 27 4.10 -25.31 -11.99
CA ILE B 27 5.36 -25.43 -11.28
C ILE B 27 5.13 -26.30 -10.05
N LYS B 28 6.26 -26.64 -9.45
CA LYS B 28 6.20 -27.43 -8.22
C LYS B 28 5.76 -26.48 -7.12
N LYS B 29 5.01 -26.93 -6.13
CA LYS B 29 4.61 -26.05 -5.04
C LYS B 29 5.77 -25.55 -4.21
N THR B 30 6.92 -26.20 -4.23
CA THR B 30 8.11 -25.84 -3.48
C THR B 30 9.14 -25.11 -4.32
N THR B 31 8.80 -24.76 -5.57
CA THR B 31 9.70 -24.02 -6.44
C THR B 31 9.46 -22.52 -6.29
N PRO B 32 10.51 -21.72 -6.14
CA PRO B 32 10.37 -20.28 -6.01
C PRO B 32 9.67 -19.73 -7.24
N LEU B 33 8.91 -18.64 -7.06
CA LEU B 33 8.22 -18.03 -8.19
C LEU B 33 9.12 -17.18 -9.04
N ARG B 34 10.39 -16.98 -8.66
CA ARG B 34 11.30 -16.12 -9.42
C ARG B 34 11.26 -16.38 -10.92
N ARG B 35 11.48 -17.62 -11.33
CA ARG B 35 11.55 -17.95 -12.75
C ARG B 35 10.26 -17.60 -13.49
N LEU B 36 9.15 -17.93 -12.84
CA LEU B 36 7.81 -17.60 -13.37
C LEU B 36 7.63 -16.10 -13.58
N MET B 37 7.99 -15.32 -12.56
CA MET B 37 7.91 -13.87 -12.59
C MET B 37 8.82 -13.24 -13.63
N GLU B 38 10.04 -13.76 -13.72
CA GLU B 38 10.98 -13.23 -14.71
C GLU B 38 10.52 -13.57 -16.12
N ALA B 39 9.95 -14.74 -16.32
CA ALA B 39 9.42 -15.16 -17.61
C ALA B 39 8.30 -14.22 -18.05
N PHE B 40 7.37 -13.96 -17.12
CA PHE B 40 6.29 -13.04 -17.42
C PHE B 40 6.82 -11.67 -17.80
N ALA B 41 7.73 -11.09 -17.02
CA ALA B 41 8.26 -9.75 -17.30
C ALA B 41 8.95 -9.63 -18.64
N LYS B 42 9.79 -10.61 -18.93
CA LYS B 42 10.56 -10.71 -20.17
C LYS B 42 9.60 -10.71 -21.35
N ARG B 43 8.54 -11.51 -21.28
CA ARG B 43 7.53 -11.48 -22.34
C ARG B 43 6.89 -10.12 -22.55
N GLN B 44 6.76 -9.28 -21.54
CA GLN B 44 6.21 -7.94 -21.73
C GLN B 44 7.33 -6.95 -22.06
N GLY B 45 8.57 -7.41 -22.06
CA GLY B 45 9.74 -6.59 -22.31
C GLY B 45 9.96 -5.59 -21.17
N LYS B 46 9.45 -5.91 -19.98
CA LYS B 46 9.51 -5.03 -18.83
C LYS B 46 10.50 -5.51 -17.78
N GLU B 47 11.02 -4.53 -17.07
CA GLU B 47 11.98 -4.82 -16.01
C GLU B 47 11.22 -5.31 -14.78
N MET B 48 11.81 -6.25 -14.07
CA MET B 48 11.28 -6.81 -12.86
C MET B 48 11.03 -5.83 -11.73
N ASP B 49 11.84 -4.78 -11.61
CA ASP B 49 11.74 -3.81 -10.54
C ASP B 49 10.68 -2.74 -10.79
N SER B 50 10.02 -2.83 -11.93
CA SER B 50 8.97 -1.93 -12.35
C SER B 50 7.63 -2.64 -12.22
N LEU B 51 7.67 -3.93 -11.92
CA LEU B 51 6.43 -4.71 -11.81
C LEU B 51 6.26 -5.29 -10.40
N ARG B 52 5.05 -5.21 -9.86
CA ARG B 52 4.76 -5.81 -8.58
C ARG B 52 3.86 -7.02 -8.81
N PHE B 53 4.24 -8.17 -8.31
CA PHE B 53 3.47 -9.39 -8.51
C PHE B 53 2.70 -9.67 -7.21
N LEU B 54 1.37 -9.59 -7.30
CA LEU B 54 0.56 -9.78 -6.09
C LEU B 54 -0.33 -11.02 -6.13
N TYR B 55 -0.51 -11.59 -4.95
CA TYR B 55 -1.38 -12.75 -4.83
C TYR B 55 -2.38 -12.42 -3.74
N ASP B 56 -3.62 -12.11 -4.14
CA ASP B 56 -4.68 -11.76 -3.19
C ASP B 56 -4.25 -10.55 -2.34
N GLY B 57 -3.56 -9.63 -2.99
CA GLY B 57 -3.07 -8.41 -2.37
C GLY B 57 -1.72 -8.49 -1.73
N ILE B 58 -1.14 -9.67 -1.58
CA ILE B 58 0.19 -9.82 -0.97
C ILE B 58 1.29 -9.67 -2.01
N ARG B 59 2.25 -8.79 -1.75
CA ARG B 59 3.34 -8.52 -2.66
C ARG B 59 4.36 -9.65 -2.55
N ILE B 60 4.40 -10.47 -3.58
CA ILE B 60 5.31 -11.61 -3.66
C ILE B 60 6.76 -11.16 -3.78
N GLN B 61 7.55 -11.88 -3.01
CA GLN B 61 9.02 -11.69 -3.08
C GLN B 61 9.50 -12.89 -3.92
N ALA B 62 10.32 -12.59 -4.94
CA ALA B 62 10.80 -13.65 -5.83
C ALA B 62 11.46 -14.69 -4.95
N ASP B 63 11.37 -16.02 -5.10
CA ASP B 63 12.09 -16.76 -4.03
C ASP B 63 11.11 -17.28 -3.01
N GLN B 64 9.94 -16.67 -2.91
CA GLN B 64 8.86 -17.22 -2.11
C GLN B 64 8.27 -18.30 -3.07
N THR B 65 7.73 -19.34 -2.51
CA THR B 65 7.12 -20.39 -3.32
C THR B 65 5.61 -20.31 -3.20
N PRO B 66 4.87 -21.04 -4.02
CA PRO B 66 3.42 -21.14 -3.91
C PRO B 66 3.02 -21.68 -2.53
N GLU B 67 3.78 -22.67 -2.04
CA GLU B 67 3.53 -23.22 -0.70
C GLU B 67 3.70 -22.11 0.35
N ASP B 68 4.73 -21.27 0.22
CA ASP B 68 4.92 -20.15 1.13
C ASP B 68 3.67 -19.26 1.27
N LEU B 69 3.03 -18.97 0.14
CA LEU B 69 1.86 -18.10 0.07
C LEU B 69 0.51 -18.77 0.17
N ASP B 70 0.45 -20.09 0.42
CA ASP B 70 -0.83 -20.79 0.55
C ASP B 70 -1.65 -20.76 -0.73
N MET B 71 -0.98 -20.83 -1.89
CA MET B 71 -1.69 -20.84 -3.17
C MET B 71 -2.40 -22.17 -3.39
N GLU B 72 -3.45 -22.18 -4.19
CA GLU B 72 -4.21 -23.34 -4.60
C GLU B 72 -4.24 -23.37 -6.13
N ASP B 73 -4.48 -24.58 -6.65
CA ASP B 73 -4.49 -24.79 -8.08
C ASP B 73 -5.38 -23.79 -8.80
N ASN B 74 -4.85 -23.21 -9.86
CA ASN B 74 -5.44 -22.27 -10.78
C ASN B 74 -5.55 -20.85 -10.20
N ASP B 75 -4.81 -20.58 -9.12
CA ASP B 75 -4.82 -19.23 -8.57
C ASP B 75 -4.18 -18.29 -9.57
N ILE B 76 -4.45 -16.99 -9.34
CA ILE B 76 -3.95 -15.98 -10.25
C ILE B 76 -2.99 -15.05 -9.52
N ILE B 77 -1.93 -14.71 -10.22
CA ILE B 77 -0.97 -13.73 -9.76
C ILE B 77 -1.15 -12.50 -10.63
N GLU B 78 -1.36 -11.35 -9.97
CA GLU B 78 -1.54 -10.12 -10.76
C GLU B 78 -0.21 -9.40 -10.90
N ALA B 79 0.09 -8.97 -12.11
CA ALA B 79 1.31 -8.18 -12.33
C ALA B 79 0.92 -6.72 -12.46
N HIS B 80 1.32 -5.89 -11.49
CA HIS B 80 0.95 -4.47 -11.55
C HIS B 80 2.15 -3.57 -11.79
N ARG B 81 1.94 -2.47 -12.49
CA ARG B 81 2.94 -1.45 -12.73
C ARG B 81 3.22 -0.70 -11.41
N GLU B 82 4.48 -0.37 -11.16
CA GLU B 82 4.87 0.45 -10.00
C GLU B 82 4.01 1.71 -10.06
N GLN B 83 3.71 2.25 -8.86
CA GLN B 83 2.93 3.48 -8.81
C GLN B 83 3.81 4.56 -8.14
N ILE B 84 3.75 5.78 -8.69
CA ILE B 84 4.43 6.91 -8.08
C ILE B 84 3.42 8.07 -7.98
N GLY B 85 3.75 9.07 -7.17
CA GLY B 85 2.88 10.23 -7.09
C GLY B 85 3.50 11.33 -6.24
N GLY B 86 3.07 12.54 -6.57
CA GLY B 86 3.59 13.75 -5.94
C GLY B 86 2.50 14.33 -5.05
#